data_2L36
#
_entry.id   2L36
#
_entity_poly.entity_id   1
_entity_poly.type   'polypeptide(L)'
_entity_poly.pdbx_seq_one_letter_code
;GIGKALKKAKKGIGAVLKVLTTGL
;
_entity_poly.pdbx_strand_id   A
#
# COMPACT_ATOMS: atom_id res chain seq x y z
N GLY A 1 3.59 14.75 7.45
CA GLY A 1 4.64 14.21 6.61
C GLY A 1 4.28 12.86 6.04
N ILE A 2 3.36 12.84 5.08
CA ILE A 2 2.93 11.60 4.46
C ILE A 2 4.09 10.89 3.79
N GLY A 3 5.11 11.65 3.41
CA GLY A 3 6.28 11.08 2.76
C GLY A 3 6.93 9.99 3.60
N LYS A 4 6.62 9.98 4.89
CA LYS A 4 7.18 8.99 5.80
C LYS A 4 6.42 7.67 5.70
N ALA A 5 5.11 7.75 5.49
CA ALA A 5 4.28 6.55 5.37
C ALA A 5 4.37 5.97 3.97
N LEU A 6 4.38 6.85 2.96
CA LEU A 6 4.46 6.41 1.58
C LEU A 6 5.80 5.74 1.29
N LYS A 7 6.85 6.25 1.91
CA LYS A 7 8.19 5.70 1.73
C LYS A 7 8.28 4.28 2.29
N LYS A 8 7.66 4.07 3.45
CA LYS A 8 7.66 2.76 4.08
C LYS A 8 6.63 1.83 3.45
N ALA A 9 5.58 2.42 2.89
CA ALA A 9 4.52 1.65 2.25
C ALA A 9 5.07 0.83 1.09
N LYS A 10 6.24 1.23 0.59
CA LYS A 10 6.88 0.53 -0.52
C LYS A 10 6.99 -0.96 -0.23
N LYS A 11 7.18 -1.30 1.03
CA LYS A 11 7.29 -2.69 1.45
C LYS A 11 5.93 -3.38 1.47
N GLY A 12 4.90 -2.61 1.78
CA GLY A 12 3.56 -3.16 1.82
C GLY A 12 2.83 -3.04 0.49
N ILE A 13 3.60 -2.77 -0.57
CA ILE A 13 3.03 -2.63 -1.90
C ILE A 13 2.17 -3.83 -2.26
N GLY A 14 2.65 -5.02 -1.93
CA GLY A 14 1.91 -6.24 -2.23
C GLY A 14 0.52 -6.22 -1.65
N ALA A 15 0.30 -5.37 -0.65
CA ALA A 15 -1.00 -5.27 -0.01
C ALA A 15 -1.93 -4.36 -0.81
N VAL A 16 -1.34 -3.51 -1.64
CA VAL A 16 -2.11 -2.58 -2.47
C VAL A 16 -2.92 -3.33 -3.53
N LEU A 17 -2.61 -4.60 -3.70
CA LEU A 17 -3.29 -5.43 -4.69
C LEU A 17 -4.04 -6.58 -4.01
N LYS A 18 -3.56 -6.96 -2.82
CA LYS A 18 -4.19 -8.05 -2.07
C LYS A 18 -5.59 -7.67 -1.62
N VAL A 19 -5.74 -6.45 -1.10
CA VAL A 19 -7.03 -5.97 -0.63
C VAL A 19 -7.80 -5.32 -1.76
N LEU A 20 -7.09 -4.72 -2.71
CA LEU A 20 -7.71 -4.06 -3.85
C LEU A 20 -8.67 -5.01 -4.57
N THR A 21 -8.45 -6.31 -4.39
CA THR A 21 -9.29 -7.32 -5.02
C THR A 21 -10.66 -7.38 -4.37
N THR A 22 -10.71 -7.07 -3.08
CA THR A 22 -11.95 -7.08 -2.33
C THR A 22 -13.00 -6.19 -2.98
N GLY A 23 -12.53 -5.20 -3.73
CA GLY A 23 -13.45 -4.29 -4.41
C GLY A 23 -13.29 -4.31 -5.91
N LEU A 24 -12.21 -4.92 -6.38
CA LEU A 24 -11.94 -5.01 -7.82
C LEU A 24 -12.34 -6.38 -8.36
N GLY A 1 5.53 13.98 7.85
CA GLY A 1 4.44 14.09 6.90
C GLY A 1 4.10 12.77 6.23
N ILE A 2 3.29 12.83 5.18
CA ILE A 2 2.89 11.64 4.45
C ILE A 2 4.11 10.91 3.89
N GLY A 3 5.19 11.65 3.66
CA GLY A 3 6.39 11.07 3.12
C GLY A 3 6.91 9.93 3.97
N LYS A 4 6.45 9.87 5.21
CA LYS A 4 6.87 8.82 6.14
C LYS A 4 6.10 7.53 5.89
N ALA A 5 4.82 7.67 5.55
CA ALA A 5 3.97 6.52 5.28
C ALA A 5 4.19 5.98 3.87
N LEU A 6 4.35 6.91 2.92
CA LEU A 6 4.56 6.53 1.52
C LEU A 6 5.89 5.81 1.36
N LYS A 7 6.91 6.26 2.10
CA LYS A 7 8.23 5.65 2.04
C LYS A 7 8.20 4.21 2.54
N LYS A 8 7.44 3.98 3.60
CA LYS A 8 7.32 2.65 4.18
C LYS A 8 6.34 1.80 3.39
N ALA A 9 5.38 2.46 2.74
CA ALA A 9 4.38 1.77 1.94
C ALA A 9 5.02 0.95 0.83
N LYS A 10 6.25 1.31 0.48
CA LYS A 10 6.98 0.62 -0.57
C LYS A 10 6.98 -0.89 -0.32
N LYS A 11 7.00 -1.28 0.94
CA LYS A 11 7.01 -2.69 1.31
C LYS A 11 5.58 -3.23 1.43
N GLY A 12 4.63 -2.34 1.70
CA GLY A 12 3.24 -2.74 1.82
C GLY A 12 2.50 -2.66 0.50
N ILE A 13 3.23 -2.38 -0.58
CA ILE A 13 2.63 -2.27 -1.89
C ILE A 13 1.81 -3.52 -2.23
N GLY A 14 2.35 -4.68 -1.89
CA GLY A 14 1.65 -5.93 -2.16
C GLY A 14 0.25 -5.95 -1.57
N ALA A 15 0.02 -5.10 -0.57
CA ALA A 15 -1.27 -5.03 0.07
C ALA A 15 -2.27 -4.26 -0.79
N VAL A 16 -1.76 -3.39 -1.65
CA VAL A 16 -2.60 -2.60 -2.53
C VAL A 16 -3.45 -3.48 -3.45
N LEU A 17 -2.86 -4.59 -3.88
CA LEU A 17 -3.56 -5.53 -4.76
C LEU A 17 -4.25 -6.61 -3.95
N LYS A 18 -3.79 -6.81 -2.71
CA LYS A 18 -4.37 -7.83 -1.84
C LYS A 18 -5.80 -7.46 -1.45
N VAL A 19 -6.00 -6.20 -1.06
CA VAL A 19 -7.32 -5.74 -0.67
C VAL A 19 -8.15 -5.33 -1.89
N LEU A 20 -7.47 -4.82 -2.91
CA LEU A 20 -8.13 -4.39 -4.14
C LEU A 20 -8.98 -5.52 -4.71
N THR A 21 -8.65 -6.75 -4.36
CA THR A 21 -9.38 -7.91 -4.84
C THR A 21 -10.74 -8.02 -4.15
N THR A 22 -10.82 -7.53 -2.92
CA THR A 22 -12.06 -7.57 -2.16
C THR A 22 -13.19 -6.89 -2.91
N GLY A 23 -12.84 -5.94 -3.79
CA GLY A 23 -13.84 -5.23 -4.55
C GLY A 23 -13.66 -5.40 -6.04
N LEU A 24 -12.53 -5.99 -6.43
CA LEU A 24 -12.24 -6.22 -7.85
C LEU A 24 -12.15 -7.71 -8.15
N GLY A 1 5.68 14.53 6.75
CA GLY A 1 4.34 14.44 6.18
C GLY A 1 4.03 13.06 5.66
N ILE A 2 3.11 12.98 4.70
CA ILE A 2 2.71 11.71 4.12
C ILE A 2 3.91 11.00 3.48
N GLY A 3 4.92 11.79 3.12
CA GLY A 3 6.10 11.22 2.49
C GLY A 3 6.75 10.15 3.36
N LYS A 4 6.41 10.14 4.64
CA LYS A 4 6.97 9.17 5.57
C LYS A 4 6.22 7.84 5.48
N ALA A 5 4.91 7.91 5.24
CA ALA A 5 4.09 6.71 5.13
C ALA A 5 4.20 6.11 3.73
N LEU A 6 4.23 6.97 2.72
CA LEU A 6 4.33 6.51 1.33
C LEU A 6 5.68 5.85 1.08
N LYS A 7 6.72 6.37 1.71
CA LYS A 7 8.07 5.83 1.56
C LYS A 7 8.16 4.42 2.15
N LYS A 8 7.51 4.22 3.28
CA LYS A 8 7.51 2.92 3.95
C LYS A 8 6.50 1.98 3.30
N ALA A 9 5.45 2.56 2.73
CA ALA A 9 4.41 1.77 2.07
C ALA A 9 4.99 0.94 0.93
N LYS A 10 6.16 1.34 0.44
CA LYS A 10 6.83 0.63 -0.64
C LYS A 10 6.93 -0.86 -0.34
N LYS A 11 7.16 -1.18 0.93
CA LYS A 11 7.28 -2.58 1.35
C LYS A 11 5.92 -3.25 1.38
N GLY A 12 4.89 -2.49 1.70
CA GLY A 12 3.54 -3.04 1.75
C GLY A 12 2.82 -2.92 0.42
N ILE A 13 3.57 -2.68 -0.64
CA ILE A 13 3.00 -2.56 -1.98
C ILE A 13 2.12 -3.75 -2.32
N GLY A 14 2.60 -4.95 -1.97
CA GLY A 14 1.85 -6.16 -2.25
C GLY A 14 0.44 -6.11 -1.66
N ALA A 15 0.25 -5.25 -0.67
CA ALA A 15 -1.05 -5.11 -0.03
C ALA A 15 -1.98 -4.23 -0.85
N VAL A 16 -1.40 -3.40 -1.70
CA VAL A 16 -2.18 -2.50 -2.56
C VAL A 16 -3.03 -3.28 -3.55
N LEU A 17 -2.63 -4.53 -3.81
CA LEU A 17 -3.37 -5.38 -4.75
C LEU A 17 -4.13 -6.46 -4.00
N LYS A 18 -3.67 -6.79 -2.80
CA LYS A 18 -4.30 -7.81 -1.98
C LYS A 18 -5.70 -7.38 -1.56
N VAL A 19 -5.81 -6.13 -1.10
CA VAL A 19 -7.10 -5.58 -0.67
C VAL A 19 -7.89 -5.05 -1.86
N LEU A 20 -7.17 -4.53 -2.85
CA LEU A 20 -7.81 -3.98 -4.05
C LEU A 20 -8.77 -4.99 -4.67
N THR A 21 -8.53 -6.27 -4.40
CA THR A 21 -9.36 -7.34 -4.93
C THR A 21 -10.72 -7.36 -4.24
N THR A 22 -10.76 -6.95 -2.98
CA THR A 22 -11.99 -6.92 -2.21
C THR A 22 -13.06 -6.09 -2.92
N GLY A 23 -12.62 -5.15 -3.75
CA GLY A 23 -13.56 -4.30 -4.47
C GLY A 23 -13.41 -4.44 -5.98
N LEU A 24 -12.33 -5.08 -6.41
CA LEU A 24 -12.08 -5.27 -7.84
C LEU A 24 -13.21 -6.06 -8.49
N GLY A 1 5.36 13.52 9.01
CA GLY A 1 5.23 13.89 7.62
C GLY A 1 4.78 12.73 6.75
N ILE A 2 4.03 13.03 5.70
CA ILE A 2 3.53 12.01 4.79
C ILE A 2 4.69 11.23 4.16
N GLY A 3 5.86 11.87 4.08
CA GLY A 3 7.02 11.22 3.50
C GLY A 3 7.35 9.92 4.18
N LYS A 4 6.84 9.72 5.38
CA LYS A 4 7.08 8.50 6.14
C LYS A 4 6.17 7.37 5.67
N ALA A 5 4.92 7.72 5.34
CA ALA A 5 3.95 6.75 4.87
C ALA A 5 4.15 6.43 3.39
N LEU A 6 4.55 7.44 2.63
CA LEU A 6 4.78 7.27 1.20
C LEU A 6 6.05 6.46 0.94
N LYS A 7 7.09 6.73 1.72
CA LYS A 7 8.36 6.02 1.58
C LYS A 7 8.24 4.60 2.11
N LYS A 8 7.47 4.43 3.18
CA LYS A 8 7.28 3.11 3.78
C LYS A 8 6.25 2.30 3.01
N ALA A 9 5.37 2.99 2.29
CA ALA A 9 4.34 2.34 1.51
C ALA A 9 4.95 1.41 0.46
N LYS A 10 6.19 1.69 0.09
CA LYS A 10 6.88 0.89 -0.91
C LYS A 10 6.84 -0.59 -0.54
N LYS A 11 6.83 -0.88 0.75
CA LYS A 11 6.79 -2.25 1.23
C LYS A 11 5.35 -2.75 1.31
N GLY A 12 4.42 -1.82 1.51
CA GLY A 12 3.02 -2.18 1.60
C GLY A 12 2.35 -2.26 0.25
N ILE A 13 3.14 -2.15 -0.81
CA ILE A 13 2.62 -2.21 -2.17
C ILE A 13 1.77 -3.46 -2.38
N GLY A 14 2.25 -4.59 -1.86
CA GLY A 14 1.52 -5.84 -1.99
C GLY A 14 0.10 -5.74 -1.47
N ALA A 15 -0.15 -4.76 -0.62
CA ALA A 15 -1.47 -4.57 -0.05
C ALA A 15 -2.41 -3.88 -1.04
N VAL A 16 -1.82 -3.22 -2.03
CA VAL A 16 -2.59 -2.52 -3.05
C VAL A 16 -3.35 -3.51 -3.94
N LEU A 17 -2.99 -4.78 -3.83
CA LEU A 17 -3.63 -5.83 -4.62
C LEU A 17 -4.34 -6.83 -3.72
N LYS A 18 -3.90 -6.92 -2.47
CA LYS A 18 -4.51 -7.84 -1.52
C LYS A 18 -5.93 -7.42 -1.19
N VAL A 19 -6.13 -6.13 -0.95
CA VAL A 19 -7.45 -5.60 -0.64
C VAL A 19 -8.22 -5.25 -1.90
N LEU A 20 -7.49 -4.84 -2.93
CA LEU A 20 -8.11 -4.47 -4.20
C LEU A 20 -9.02 -5.58 -4.71
N THR A 21 -8.77 -6.80 -4.26
CA THR A 21 -9.57 -7.95 -4.66
C THR A 21 -10.99 -7.83 -4.13
N THR A 22 -11.15 -7.15 -3.00
CA THR A 22 -12.47 -6.97 -2.39
C THR A 22 -13.47 -6.43 -3.41
N GLY A 23 -13.00 -5.57 -4.31
CA GLY A 23 -13.87 -4.99 -5.31
C GLY A 23 -13.58 -5.53 -6.70
N LEU A 24 -12.45 -6.20 -6.85
CA LEU A 24 -12.06 -6.78 -8.14
C LEU A 24 -12.42 -8.26 -8.20
N GLY A 1 9.24 15.14 6.17
CA GLY A 1 8.12 15.06 7.09
C GLY A 1 7.23 13.87 6.81
N ILE A 2 6.02 14.14 6.33
CA ILE A 2 5.07 13.08 6.01
C ILE A 2 5.64 12.11 4.97
N GLY A 3 6.56 12.62 4.16
CA GLY A 3 7.17 11.79 3.13
C GLY A 3 7.81 10.53 3.69
N LYS A 4 8.07 10.55 5.00
CA LYS A 4 8.67 9.39 5.66
C LYS A 4 7.64 8.34 5.99
N ALA A 5 6.43 8.78 6.33
CA ALA A 5 5.35 7.86 6.66
C ALA A 5 4.69 7.31 5.39
N LEU A 6 4.52 8.17 4.40
CA LEU A 6 3.90 7.76 3.14
C LEU A 6 4.83 6.87 2.34
N LYS A 7 6.13 6.94 2.65
CA LYS A 7 7.13 6.13 1.96
C LYS A 7 7.14 4.70 2.52
N LYS A 8 6.82 4.56 3.80
CA LYS A 8 6.81 3.26 4.45
C LYS A 8 5.81 2.33 3.76
N ALA A 9 4.80 2.91 3.13
CA ALA A 9 3.77 2.14 2.43
C ALA A 9 4.40 1.29 1.34
N LYS A 10 5.58 1.67 0.87
CA LYS A 10 6.28 0.94 -0.17
C LYS A 10 6.41 -0.52 0.19
N LYS A 11 6.46 -0.81 1.49
CA LYS A 11 6.59 -2.19 1.96
C LYS A 11 5.24 -2.90 1.91
N GLY A 12 4.16 -2.16 2.12
CA GLY A 12 2.84 -2.75 2.07
C GLY A 12 2.22 -2.72 0.69
N ILE A 13 3.07 -2.47 -0.32
CA ILE A 13 2.60 -2.42 -1.70
C ILE A 13 1.82 -3.67 -2.07
N GLY A 14 2.33 -4.82 -1.64
CA GLY A 14 1.68 -6.08 -1.94
C GLY A 14 0.22 -6.10 -1.49
N ALA A 15 -0.11 -5.23 -0.54
CA ALA A 15 -1.47 -5.14 -0.03
C ALA A 15 -2.40 -4.46 -1.03
N VAL A 16 -1.81 -3.68 -1.92
CA VAL A 16 -2.58 -2.97 -2.94
C VAL A 16 -3.22 -3.95 -3.93
N LEU A 17 -2.77 -5.19 -3.89
CA LEU A 17 -3.30 -6.22 -4.78
C LEU A 17 -4.03 -7.29 -3.99
N LYS A 18 -3.67 -7.45 -2.72
CA LYS A 18 -4.31 -8.44 -1.86
C LYS A 18 -5.76 -8.08 -1.61
N VAL A 19 -6.04 -6.80 -1.41
CA VAL A 19 -7.40 -6.33 -1.17
C VAL A 19 -8.09 -5.97 -2.47
N LEU A 20 -7.32 -5.52 -3.45
CA LEU A 20 -7.87 -5.14 -4.74
C LEU A 20 -8.69 -6.28 -5.33
N THR A 21 -8.40 -7.50 -4.90
CA THR A 21 -9.12 -8.67 -5.39
C THR A 21 -10.54 -8.72 -4.86
N THR A 22 -10.74 -8.16 -3.66
CA THR A 22 -12.05 -8.14 -3.04
C THR A 22 -13.08 -7.47 -3.95
N GLY A 23 -12.60 -6.61 -4.84
CA GLY A 23 -13.50 -5.92 -5.76
C GLY A 23 -13.17 -6.23 -7.21
N LEU A 24 -12.01 -6.82 -7.45
CA LEU A 24 -11.59 -7.17 -8.80
C LEU A 24 -11.66 -8.66 -9.04
N GLY A 1 9.66 15.28 7.65
CA GLY A 1 8.77 15.38 6.51
C GLY A 1 7.84 14.19 6.39
N ILE A 2 6.58 14.44 6.04
CA ILE A 2 5.61 13.37 5.90
C ILE A 2 6.03 12.37 4.84
N GLY A 3 6.94 12.79 3.95
CA GLY A 3 7.41 11.92 2.90
C GLY A 3 8.01 10.63 3.44
N LYS A 4 8.35 10.64 4.73
CA LYS A 4 8.94 9.46 5.37
C LYS A 4 7.86 8.46 5.77
N ALA A 5 6.72 8.98 6.20
CA ALA A 5 5.60 8.12 6.62
C ALA A 5 4.82 7.64 5.41
N LEU A 6 4.64 8.52 4.43
CA LEU A 6 3.90 8.18 3.22
C LEU A 6 4.72 7.25 2.33
N LYS A 7 6.03 7.23 2.55
CA LYS A 7 6.91 6.36 1.77
C LYS A 7 6.88 4.93 2.29
N LYS A 8 6.65 4.78 3.58
CA LYS A 8 6.58 3.46 4.21
C LYS A 8 5.48 2.62 3.59
N ALA A 9 4.47 3.28 3.04
CA ALA A 9 3.35 2.60 2.41
C ALA A 9 3.82 1.73 1.24
N LYS A 10 4.97 2.10 0.67
CA LYS A 10 5.53 1.35 -0.44
C LYS A 10 5.70 -0.12 -0.10
N LYS A 11 5.96 -0.40 1.17
CA LYS A 11 6.15 -1.77 1.64
C LYS A 11 4.82 -2.52 1.62
N GLY A 12 3.72 -1.79 1.73
CA GLY A 12 2.41 -2.41 1.72
C GLY A 12 1.84 -2.55 0.32
N ILE A 13 2.69 -2.36 -0.68
CA ILE A 13 2.27 -2.48 -2.07
C ILE A 13 1.57 -3.81 -2.32
N GLY A 14 2.14 -4.87 -1.76
CA GLY A 14 1.56 -6.20 -1.94
C GLY A 14 0.11 -6.26 -1.52
N ALA A 15 -0.30 -5.31 -0.68
CA ALA A 15 -1.67 -5.25 -0.19
C ALA A 15 -2.59 -4.58 -1.21
N VAL A 16 -2.00 -3.80 -2.11
CA VAL A 16 -2.76 -3.10 -3.14
C VAL A 16 -3.35 -4.07 -4.14
N LEU A 17 -2.91 -5.32 -4.08
CA LEU A 17 -3.40 -6.36 -5.00
C LEU A 17 -4.10 -7.46 -4.22
N LYS A 18 -3.72 -7.62 -2.96
CA LYS A 18 -4.32 -8.65 -2.10
C LYS A 18 -5.80 -8.37 -1.85
N VAL A 19 -6.11 -7.12 -1.54
CA VAL A 19 -7.49 -6.71 -1.28
C VAL A 19 -8.20 -6.34 -2.57
N LEU A 20 -7.44 -5.80 -3.52
CA LEU A 20 -8.00 -5.38 -4.80
C LEU A 20 -8.78 -6.52 -5.45
N THR A 21 -8.45 -7.75 -5.06
CA THR A 21 -9.13 -8.92 -5.60
C THR A 21 -10.59 -8.96 -5.18
N THR A 22 -10.88 -8.38 -4.02
CA THR A 22 -12.24 -8.34 -3.50
C THR A 22 -13.22 -7.80 -4.54
N GLY A 23 -12.76 -6.85 -5.33
CA GLY A 23 -13.61 -6.26 -6.36
C GLY A 23 -13.19 -6.68 -7.75
N LEU A 24 -11.99 -7.24 -7.87
CA LEU A 24 -11.47 -7.69 -9.17
C LEU A 24 -11.30 -9.20 -9.18
N GLY A 1 5.32 14.91 8.23
CA GLY A 1 5.22 14.87 6.78
C GLY A 1 4.78 13.52 6.27
N ILE A 2 3.74 13.51 5.43
CA ILE A 2 3.22 12.27 4.87
C ILE A 2 4.29 11.54 4.06
N GLY A 3 5.26 12.29 3.57
CA GLY A 3 6.34 11.69 2.79
C GLY A 3 7.07 10.60 3.55
N LYS A 4 6.91 10.59 4.87
CA LYS A 4 7.55 9.59 5.71
C LYS A 4 6.77 8.29 5.71
N ALA A 5 5.45 8.40 5.66
CA ALA A 5 4.58 7.22 5.65
C ALA A 5 4.49 6.62 4.25
N LEU A 6 4.40 7.49 3.24
CA LEU A 6 4.30 7.05 1.86
C LEU A 6 5.61 6.41 1.39
N LYS A 7 6.71 6.83 2.01
CA LYS A 7 8.02 6.29 1.66
C LYS A 7 8.16 4.85 2.13
N LYS A 8 7.65 4.56 3.32
CA LYS A 8 7.71 3.22 3.89
C LYS A 8 6.63 2.33 3.30
N ALA A 9 5.59 2.95 2.77
CA ALA A 9 4.48 2.21 2.16
C ALA A 9 4.96 1.36 1.00
N LYS A 10 6.10 1.74 0.43
CA LYS A 10 6.67 1.01 -0.70
C LYS A 10 6.81 -0.48 -0.38
N LYS A 11 6.99 -0.78 0.91
CA LYS A 11 7.14 -2.15 1.36
C LYS A 11 5.78 -2.86 1.41
N GLY A 12 4.74 -2.10 1.71
CA GLY A 12 3.39 -2.67 1.79
C GLY A 12 2.67 -2.60 0.46
N ILE A 13 3.41 -2.36 -0.61
CA ILE A 13 2.83 -2.26 -1.95
C ILE A 13 1.99 -3.50 -2.26
N GLY A 14 2.51 -4.67 -1.90
CA GLY A 14 1.80 -5.91 -2.15
C GLY A 14 0.40 -5.90 -1.58
N ALA A 15 0.17 -5.04 -0.59
CA ALA A 15 -1.13 -4.94 0.05
C ALA A 15 -2.13 -4.22 -0.86
N VAL A 16 -1.61 -3.43 -1.79
CA VAL A 16 -2.45 -2.68 -2.72
C VAL A 16 -3.20 -3.63 -3.66
N LEU A 17 -2.78 -4.89 -3.69
CA LEU A 17 -3.40 -5.89 -4.54
C LEU A 17 -4.09 -6.96 -3.71
N LYS A 18 -3.62 -7.15 -2.48
CA LYS A 18 -4.19 -8.14 -1.58
C LYS A 18 -5.62 -7.76 -1.19
N VAL A 19 -5.84 -6.47 -0.94
CA VAL A 19 -7.15 -5.98 -0.57
C VAL A 19 -7.97 -5.58 -1.80
N LEU A 20 -7.28 -5.12 -2.83
CA LEU A 20 -7.93 -4.71 -4.07
C LEU A 20 -8.83 -5.82 -4.60
N THR A 21 -8.52 -7.06 -4.21
CA THR A 21 -9.30 -8.21 -4.65
C THR A 21 -10.68 -8.23 -4.00
N THR A 22 -10.76 -7.69 -2.78
CA THR A 22 -12.01 -7.65 -2.05
C THR A 22 -13.10 -6.95 -2.85
N GLY A 23 -12.68 -6.08 -3.77
CA GLY A 23 -13.64 -5.36 -4.59
C GLY A 23 -13.46 -5.64 -6.07
N LEU A 24 -12.34 -6.26 -6.42
CA LEU A 24 -12.04 -6.59 -7.82
C LEU A 24 -12.07 -8.09 -8.03
N GLY A 1 5.16 15.19 6.41
CA GLY A 1 4.96 14.14 7.38
C GLY A 1 4.56 12.82 6.74
N ILE A 2 3.64 12.88 5.80
CA ILE A 2 3.17 11.69 5.11
C ILE A 2 4.32 10.99 4.38
N GLY A 3 5.39 11.73 4.13
CA GLY A 3 6.54 11.18 3.44
C GLY A 3 7.09 9.95 4.14
N LYS A 4 6.72 9.77 5.41
CA LYS A 4 7.18 8.64 6.20
C LYS A 4 6.34 7.40 5.89
N ALA A 5 5.04 7.60 5.72
CA ALA A 5 4.14 6.50 5.42
C ALA A 5 4.17 6.14 3.94
N LEU A 6 4.38 7.15 3.10
CA LEU A 6 4.44 6.93 1.66
C LEU A 6 5.75 6.24 1.26
N LYS A 7 6.84 6.64 1.89
CA LYS A 7 8.15 6.06 1.61
C LYS A 7 8.25 4.65 2.20
N LYS A 8 7.63 4.46 3.36
CA LYS A 8 7.66 3.17 4.03
C LYS A 8 6.64 2.22 3.42
N ALA A 9 5.59 2.79 2.81
CA ALA A 9 4.55 1.99 2.19
C ALA A 9 5.11 1.10 1.09
N LYS A 10 6.29 1.47 0.57
CA LYS A 10 6.93 0.70 -0.48
C LYS A 10 7.05 -0.77 -0.09
N LYS A 11 7.21 -1.03 1.20
CA LYS A 11 7.33 -2.39 1.70
C LYS A 11 5.97 -3.07 1.74
N GLY A 12 4.93 -2.29 2.01
CA GLY A 12 3.59 -2.84 2.06
C GLY A 12 2.88 -2.82 0.73
N ILE A 13 3.66 -2.62 -0.34
CA ILE A 13 3.11 -2.57 -1.69
C ILE A 13 2.26 -3.81 -1.98
N GLY A 14 2.75 -4.97 -1.57
CA GLY A 14 2.04 -6.20 -1.79
C GLY A 14 0.62 -6.16 -1.23
N ALA A 15 0.38 -5.26 -0.29
CA ALA A 15 -0.93 -5.11 0.32
C ALA A 15 -1.86 -4.29 -0.57
N VAL A 16 -1.28 -3.50 -1.46
CA VAL A 16 -2.06 -2.67 -2.37
C VAL A 16 -2.83 -3.52 -3.37
N LEU A 17 -2.37 -4.75 -3.56
CA LEU A 17 -3.01 -5.67 -4.50
C LEU A 17 -3.75 -6.77 -3.76
N LYS A 18 -3.38 -6.97 -2.49
CA LYS A 18 -4.00 -8.01 -1.67
C LYS A 18 -5.44 -7.60 -1.30
N VAL A 19 -5.63 -6.32 -1.05
CA VAL A 19 -6.96 -5.81 -0.70
C VAL A 19 -7.71 -5.32 -1.92
N LEU A 20 -6.97 -4.82 -2.90
CA LEU A 20 -7.57 -4.31 -4.14
C LEU A 20 -8.47 -5.36 -4.77
N THR A 21 -8.22 -6.62 -4.44
CA THR A 21 -9.01 -7.73 -4.98
C THR A 21 -10.41 -7.76 -4.35
N THR A 22 -10.49 -7.31 -3.11
CA THR A 22 -11.77 -7.29 -2.39
C THR A 22 -12.81 -6.50 -3.15
N GLY A 23 -12.36 -5.57 -3.99
CA GLY A 23 -13.28 -4.76 -4.77
C GLY A 23 -13.07 -4.93 -6.27
N LEU A 24 -11.96 -5.57 -6.65
CA LEU A 24 -11.66 -5.79 -8.05
C LEU A 24 -11.72 -7.28 -8.40
N GLY A 1 8.61 15.29 7.17
CA GLY A 1 7.89 15.19 5.92
C GLY A 1 7.03 13.95 5.83
N ILE A 2 5.76 14.13 5.48
CA ILE A 2 4.84 13.02 5.36
C ILE A 2 5.32 12.01 4.32
N GLY A 3 6.14 12.48 3.39
CA GLY A 3 6.67 11.61 2.35
C GLY A 3 7.39 10.40 2.92
N LYS A 4 7.78 10.50 4.19
CA LYS A 4 8.49 9.40 4.85
C LYS A 4 7.51 8.33 5.34
N ALA A 5 6.34 8.77 5.79
CA ALA A 5 5.32 7.86 6.28
C ALA A 5 4.55 7.22 5.12
N LEU A 6 4.26 8.02 4.11
CA LEU A 6 3.52 7.53 2.95
C LEU A 6 4.39 6.60 2.10
N LYS A 7 5.70 6.72 2.27
CA LYS A 7 6.64 5.88 1.52
C LYS A 7 6.76 4.51 2.17
N LYS A 8 6.56 4.45 3.48
CA LYS A 8 6.65 3.19 4.22
C LYS A 8 5.63 2.18 3.70
N ALA A 9 4.56 2.68 3.10
CA ALA A 9 3.52 1.82 2.55
C ALA A 9 4.08 0.90 1.47
N LYS A 10 5.17 1.33 0.84
CA LYS A 10 5.81 0.55 -0.21
C LYS A 10 6.08 -0.88 0.26
N LYS A 11 6.37 -1.03 1.54
CA LYS A 11 6.64 -2.34 2.11
C LYS A 11 5.44 -3.26 1.97
N GLY A 12 4.25 -2.71 2.19
CA GLY A 12 3.03 -3.49 2.09
C GLY A 12 2.41 -3.41 0.70
N ILE A 13 3.23 -3.10 -0.30
CA ILE A 13 2.76 -2.99 -1.67
C ILE A 13 1.98 -4.23 -2.09
N GLY A 14 2.48 -5.40 -1.71
CA GLY A 14 1.83 -6.64 -2.05
C GLY A 14 0.39 -6.68 -1.58
N ALA A 15 0.07 -5.84 -0.60
CA ALA A 15 -1.29 -5.78 -0.05
C ALA A 15 -2.19 -4.89 -0.91
N VAL A 16 -1.57 -4.02 -1.72
CA VAL A 16 -2.30 -3.12 -2.58
C VAL A 16 -2.96 -3.88 -3.73
N LEU A 17 -2.52 -5.12 -3.94
CA LEU A 17 -3.06 -5.95 -5.01
C LEU A 17 -3.74 -7.19 -4.45
N LYS A 18 -3.45 -7.50 -3.19
CA LYS A 18 -4.03 -8.66 -2.53
C LYS A 18 -5.49 -8.42 -2.18
N VAL A 19 -5.79 -7.23 -1.65
CA VAL A 19 -7.15 -6.87 -1.28
C VAL A 19 -7.88 -6.21 -2.45
N LEU A 20 -7.13 -5.53 -3.29
CA LEU A 20 -7.71 -4.85 -4.45
C LEU A 20 -8.53 -5.81 -5.30
N THR A 21 -8.22 -7.11 -5.18
CA THR A 21 -8.93 -8.14 -5.93
C THR A 21 -10.36 -8.30 -5.42
N THR A 22 -10.56 -8.04 -4.13
CA THR A 22 -11.88 -8.15 -3.53
C THR A 22 -12.91 -7.32 -4.29
N GLY A 23 -12.44 -6.27 -4.94
CA GLY A 23 -13.33 -5.41 -5.71
C GLY A 23 -13.06 -5.46 -7.20
N LEU A 24 -11.90 -5.98 -7.56
CA LEU A 24 -11.52 -6.09 -8.98
C LEU A 24 -12.12 -7.33 -9.61
N GLY A 1 4.92 14.73 8.71
CA GLY A 1 5.47 14.60 7.37
C GLY A 1 5.04 13.32 6.69
N ILE A 2 4.28 13.45 5.60
CA ILE A 2 3.80 12.29 4.86
C ILE A 2 4.97 11.45 4.35
N GLY A 3 6.14 12.07 4.20
CA GLY A 3 7.30 11.37 3.73
C GLY A 3 7.64 10.16 4.59
N LYS A 4 7.09 10.13 5.80
CA LYS A 4 7.34 9.02 6.71
C LYS A 4 6.44 7.84 6.39
N ALA A 5 5.21 8.13 5.97
CA ALA A 5 4.26 7.09 5.63
C ALA A 5 4.50 6.55 4.22
N LEU A 6 4.82 7.45 3.30
CA LEU A 6 5.07 7.08 1.91
C LEU A 6 6.33 6.22 1.81
N LYS A 7 7.31 6.51 2.65
CA LYS A 7 8.56 5.75 2.66
C LYS A 7 8.32 4.30 3.08
N LYS A 8 7.45 4.11 4.07
CA LYS A 8 7.13 2.77 4.56
C LYS A 8 6.11 2.10 3.65
N ALA A 9 5.27 2.90 2.99
CA ALA A 9 4.26 2.37 2.09
C ALA A 9 4.89 1.57 0.95
N LYS A 10 6.12 1.92 0.60
CA LYS A 10 6.84 1.24 -0.46
C LYS A 10 6.84 -0.27 -0.24
N LYS A 11 6.88 -0.67 1.03
CA LYS A 11 6.88 -2.09 1.38
C LYS A 11 5.45 -2.64 1.43
N GLY A 12 4.50 -1.76 1.72
CA GLY A 12 3.11 -2.18 1.79
C GLY A 12 2.41 -2.11 0.44
N ILE A 13 3.19 -1.85 -0.62
CA ILE A 13 2.64 -1.75 -1.95
C ILE A 13 1.81 -2.98 -2.30
N GLY A 14 2.31 -4.15 -1.93
CA GLY A 14 1.60 -5.39 -2.21
C GLY A 14 0.17 -5.36 -1.70
N ALA A 15 -0.09 -4.49 -0.72
CA ALA A 15 -1.42 -4.37 -0.15
C ALA A 15 -2.40 -3.75 -1.14
N VAL A 16 -1.87 -2.95 -2.05
CA VAL A 16 -2.68 -2.29 -3.06
C VAL A 16 -3.46 -3.29 -3.88
N LEU A 17 -2.97 -4.53 -3.93
CA LEU A 17 -3.62 -5.59 -4.68
C LEU A 17 -4.30 -6.59 -3.74
N LYS A 18 -3.81 -6.66 -2.51
CA LYS A 18 -4.37 -7.57 -1.51
C LYS A 18 -5.79 -7.16 -1.14
N VAL A 19 -6.00 -5.84 -1.00
CA VAL A 19 -7.31 -5.33 -0.64
C VAL A 19 -8.15 -5.06 -1.89
N LEU A 20 -7.49 -4.68 -2.97
CA LEU A 20 -8.17 -4.39 -4.22
C LEU A 20 -9.07 -5.56 -4.64
N THR A 21 -8.74 -6.75 -4.14
CA THR A 21 -9.50 -7.95 -4.47
C THR A 21 -10.85 -7.94 -3.76
N THR A 22 -10.90 -7.30 -2.59
CA THR A 22 -12.14 -7.22 -1.82
C THR A 22 -13.27 -6.60 -2.64
N GLY A 23 -12.90 -5.80 -3.64
CA GLY A 23 -13.89 -5.16 -4.48
C GLY A 23 -13.75 -5.55 -5.94
N LEU A 24 -12.63 -6.20 -6.28
CA LEU A 24 -12.38 -6.62 -7.64
C LEU A 24 -13.52 -7.47 -8.17
N GLY A 1 8.50 14.65 7.13
CA GLY A 1 8.07 13.54 7.96
C GLY A 1 7.12 12.61 7.23
N ILE A 2 6.34 13.16 6.31
CA ILE A 2 5.38 12.38 5.55
C ILE A 2 6.09 11.28 4.76
N GLY A 3 7.36 11.50 4.44
CA GLY A 3 8.12 10.52 3.70
C GLY A 3 8.15 9.16 4.36
N LYS A 4 7.83 9.14 5.65
CA LYS A 4 7.80 7.90 6.41
C LYS A 4 6.50 7.14 6.18
N ALA A 5 5.41 7.87 6.03
CA ALA A 5 4.10 7.28 5.80
C ALA A 5 3.93 6.88 4.34
N LEU A 6 4.41 7.73 3.44
CA LEU A 6 4.30 7.47 2.01
C LEU A 6 5.24 6.33 1.59
N LYS A 7 6.26 6.09 2.42
CA LYS A 7 7.22 5.03 2.14
C LYS A 7 6.67 3.66 2.53
N LYS A 8 5.82 3.66 3.56
CA LYS A 8 5.21 2.42 4.03
C LYS A 8 4.40 1.75 2.92
N ALA A 9 3.97 2.54 1.95
CA ALA A 9 3.18 2.02 0.84
C ALA A 9 4.06 1.18 -0.09
N LYS A 10 5.32 1.57 -0.23
CA LYS A 10 6.25 0.86 -1.09
C LYS A 10 6.40 -0.60 -0.65
N LYS A 11 6.70 -0.79 0.63
CA LYS A 11 6.87 -2.13 1.18
C LYS A 11 5.53 -2.86 1.26
N GLY A 12 4.45 -2.09 1.44
CA GLY A 12 3.14 -2.68 1.53
C GLY A 12 2.45 -2.80 0.18
N ILE A 13 3.24 -2.66 -0.89
CA ILE A 13 2.70 -2.76 -2.24
C ILE A 13 1.90 -4.03 -2.43
N GLY A 14 2.43 -5.13 -1.91
CA GLY A 14 1.74 -6.41 -2.03
C GLY A 14 0.33 -6.36 -1.50
N ALA A 15 0.05 -5.38 -0.64
CA ALA A 15 -1.28 -5.23 -0.06
C ALA A 15 -2.22 -4.49 -1.02
N VAL A 16 -1.64 -3.76 -1.97
CA VAL A 16 -2.42 -3.01 -2.94
C VAL A 16 -3.16 -3.96 -3.88
N LEU A 17 -2.79 -5.24 -3.86
CA LEU A 17 -3.42 -6.24 -4.71
C LEU A 17 -4.15 -7.28 -3.87
N LYS A 18 -3.70 -7.46 -2.63
CA LYS A 18 -4.30 -8.43 -1.73
C LYS A 18 -5.73 -8.04 -1.39
N VAL A 19 -5.93 -6.77 -1.08
CA VAL A 19 -7.26 -6.26 -0.73
C VAL A 19 -8.03 -5.85 -1.98
N LEU A 20 -7.31 -5.39 -2.99
CA LEU A 20 -7.93 -4.96 -4.24
C LEU A 20 -8.84 -6.04 -4.80
N THR A 21 -8.57 -7.29 -4.41
CA THR A 21 -9.38 -8.42 -4.87
C THR A 21 -10.81 -8.31 -4.34
N THR A 22 -10.97 -7.71 -3.17
CA THR A 22 -12.28 -7.56 -2.56
C THR A 22 -13.27 -6.93 -3.53
N GLY A 23 -12.77 -6.01 -4.35
CA GLY A 23 -13.63 -5.35 -5.33
C GLY A 23 -13.39 -5.84 -6.74
N LEU A 24 -12.27 -6.52 -6.94
CA LEU A 24 -11.91 -7.04 -8.26
C LEU A 24 -12.09 -8.55 -8.31
N GLY A 1 9.59 15.04 6.71
CA GLY A 1 8.24 15.19 7.22
C GLY A 1 7.37 13.98 6.91
N ILE A 2 6.17 14.24 6.39
CA ILE A 2 5.24 13.18 6.05
C ILE A 2 5.84 12.24 5.00
N GLY A 3 6.85 12.73 4.29
CA GLY A 3 7.50 11.92 3.27
C GLY A 3 8.03 10.62 3.82
N LYS A 4 8.18 10.55 5.13
CA LYS A 4 8.69 9.35 5.79
C LYS A 4 7.59 8.31 5.97
N ALA A 5 6.38 8.78 6.27
CA ALA A 5 5.24 7.90 6.46
C ALA A 5 4.64 7.48 5.13
N LEU A 6 4.60 8.42 4.18
CA LEU A 6 4.04 8.14 2.86
C LEU A 6 5.00 7.26 2.04
N LYS A 7 6.26 7.25 2.45
CA LYS A 7 7.28 6.45 1.76
C LYS A 7 7.19 4.99 2.17
N LYS A 8 6.78 4.75 3.41
CA LYS A 8 6.65 3.40 3.93
C LYS A 8 5.66 2.58 3.11
N ALA A 9 4.73 3.28 2.46
CA ALA A 9 3.73 2.62 1.63
C ALA A 9 4.38 1.84 0.50
N LYS A 10 5.60 2.22 0.15
CA LYS A 10 6.34 1.56 -0.93
C LYS A 10 6.38 0.05 -0.69
N LYS A 11 6.43 -0.35 0.57
CA LYS A 11 6.48 -1.77 0.93
C LYS A 11 5.08 -2.35 1.00
N GLY A 12 4.10 -1.50 1.30
CA GLY A 12 2.72 -1.94 1.41
C GLY A 12 2.01 -1.97 0.07
N ILE A 13 2.77 -1.73 -1.00
CA ILE A 13 2.22 -1.72 -2.34
C ILE A 13 1.45 -3.01 -2.62
N GLY A 14 2.03 -4.14 -2.21
CA GLY A 14 1.39 -5.42 -2.42
C GLY A 14 -0.04 -5.45 -1.90
N ALA A 15 -0.33 -4.59 -0.94
CA ALA A 15 -1.67 -4.53 -0.36
C ALA A 15 -2.67 -3.97 -1.36
N VAL A 16 -2.17 -3.20 -2.32
CA VAL A 16 -3.03 -2.60 -3.33
C VAL A 16 -3.64 -3.66 -4.24
N LEU A 17 -3.12 -4.88 -4.14
CA LEU A 17 -3.61 -5.99 -4.95
C LEU A 17 -4.30 -7.03 -4.09
N LYS A 18 -3.92 -7.10 -2.81
CA LYS A 18 -4.51 -8.05 -1.88
C LYS A 18 -5.99 -7.76 -1.67
N VAL A 19 -6.32 -6.49 -1.46
CA VAL A 19 -7.70 -6.08 -1.25
C VAL A 19 -8.41 -5.85 -2.58
N LEU A 20 -7.67 -5.40 -3.58
CA LEU A 20 -8.23 -5.15 -4.90
C LEU A 20 -8.96 -6.38 -5.43
N THR A 21 -8.59 -7.55 -4.91
CA THR A 21 -9.22 -8.81 -5.33
C THR A 21 -10.64 -8.90 -4.79
N THR A 22 -10.89 -8.28 -3.64
CA THR A 22 -12.21 -8.31 -3.03
C THR A 22 -13.27 -7.78 -3.98
N GLY A 23 -12.85 -6.94 -4.92
CA GLY A 23 -13.78 -6.39 -5.89
C GLY A 23 -13.43 -6.75 -7.31
N LEU A 24 -12.23 -7.29 -7.50
CA LEU A 24 -11.77 -7.68 -8.84
C LEU A 24 -12.76 -8.65 -9.49
N GLY A 1 5.76 14.59 7.12
CA GLY A 1 4.35 14.43 6.82
C GLY A 1 4.04 13.07 6.21
N ILE A 2 3.19 13.08 5.19
CA ILE A 2 2.80 11.85 4.52
C ILE A 2 4.01 11.14 3.92
N GLY A 3 5.07 11.91 3.67
CA GLY A 3 6.28 11.35 3.09
C GLY A 3 6.84 10.22 3.94
N LYS A 4 6.41 10.14 5.20
CA LYS A 4 6.89 9.10 6.10
C LYS A 4 6.12 7.80 5.87
N ALA A 5 4.84 7.92 5.57
CA ALA A 5 4.00 6.76 5.31
C ALA A 5 4.19 6.23 3.90
N LEU A 6 4.30 7.14 2.94
CA LEU A 6 4.48 6.77 1.55
C LEU A 6 5.84 6.08 1.34
N LYS A 7 6.84 6.54 2.07
CA LYS A 7 8.18 5.98 1.97
C LYS A 7 8.19 4.53 2.47
N LYS A 8 7.47 4.28 3.55
CA LYS A 8 7.40 2.95 4.13
C LYS A 8 6.41 2.08 3.37
N ALA A 9 5.43 2.72 2.74
CA ALA A 9 4.42 2.00 1.97
C ALA A 9 5.06 1.20 0.84
N LYS A 10 6.27 1.59 0.45
CA LYS A 10 6.99 0.91 -0.62
C LYS A 10 7.03 -0.60 -0.37
N LYS A 11 7.10 -0.98 0.91
CA LYS A 11 7.15 -2.39 1.28
C LYS A 11 5.75 -2.97 1.40
N GLY A 12 4.77 -2.11 1.69
CA GLY A 12 3.40 -2.56 1.83
C GLY A 12 2.65 -2.52 0.51
N ILE A 13 3.37 -2.25 -0.57
CA ILE A 13 2.76 -2.19 -1.90
C ILE A 13 1.97 -3.45 -2.20
N GLY A 14 2.54 -4.60 -1.85
CA GLY A 14 1.87 -5.87 -2.08
C GLY A 14 0.48 -5.91 -1.48
N ALA A 15 0.24 -5.06 -0.50
CA ALA A 15 -1.06 -5.00 0.16
C ALA A 15 -2.07 -4.21 -0.65
N VAL A 16 -1.56 -3.35 -1.53
CA VAL A 16 -2.41 -2.54 -2.39
C VAL A 16 -3.17 -3.39 -3.39
N LEU A 17 -2.66 -4.59 -3.64
CA LEU A 17 -3.30 -5.51 -4.59
C LEU A 17 -3.94 -6.68 -3.86
N LYS A 18 -3.51 -6.91 -2.62
CA LYS A 18 -4.05 -7.99 -1.80
C LYS A 18 -5.48 -7.69 -1.38
N VAL A 19 -5.74 -6.43 -1.06
CA VAL A 19 -7.08 -6.01 -0.63
C VAL A 19 -7.90 -5.51 -1.82
N LEU A 20 -7.22 -4.94 -2.79
CA LEU A 20 -7.89 -4.42 -3.99
C LEU A 20 -8.78 -5.49 -4.63
N THR A 21 -8.45 -6.75 -4.36
CA THR A 21 -9.21 -7.87 -4.90
C THR A 21 -10.63 -7.90 -4.33
N THR A 22 -10.78 -7.38 -3.12
CA THR A 22 -12.08 -7.35 -2.45
C THR A 22 -13.13 -6.72 -3.35
N GLY A 23 -12.72 -5.76 -4.17
CA GLY A 23 -13.65 -5.09 -5.06
C GLY A 23 -13.41 -5.45 -6.52
N LEU A 24 -12.26 -6.04 -6.80
CA LEU A 24 -11.91 -6.45 -8.16
C LEU A 24 -11.96 -7.96 -8.31
N GLY A 1 8.32 15.99 5.59
CA GLY A 1 8.04 15.25 6.81
C GLY A 1 7.18 14.03 6.56
N ILE A 2 5.98 14.24 6.04
CA ILE A 2 5.06 13.14 5.75
C ILE A 2 5.68 12.16 4.76
N GLY A 3 6.67 12.62 4.01
CA GLY A 3 7.32 11.77 3.03
C GLY A 3 7.89 10.51 3.65
N LYS A 4 8.05 10.51 4.96
CA LYS A 4 8.58 9.36 5.68
C LYS A 4 7.49 8.32 5.92
N ALA A 5 6.28 8.79 6.20
CA ALA A 5 5.16 7.89 6.45
C ALA A 5 4.56 7.39 5.14
N LEU A 6 4.49 8.27 4.14
CA LEU A 6 3.94 7.91 2.84
C LEU A 6 4.90 7.01 2.07
N LYS A 7 6.16 7.02 2.47
CA LYS A 7 7.18 6.20 1.84
C LYS A 7 7.12 4.77 2.34
N LYS A 8 6.71 4.60 3.60
CA LYS A 8 6.61 3.28 4.20
C LYS A 8 5.63 2.41 3.44
N ALA A 9 4.68 3.04 2.75
CA ALA A 9 3.68 2.32 1.97
C ALA A 9 4.34 1.47 0.89
N LYS A 10 5.57 1.84 0.52
CA LYS A 10 6.30 1.12 -0.51
C LYS A 10 6.38 -0.37 -0.18
N LYS A 11 6.34 -0.69 1.11
CA LYS A 11 6.40 -2.07 1.57
C LYS A 11 5.01 -2.70 1.58
N GLY A 12 3.99 -1.87 1.78
CA GLY A 12 2.62 -2.36 1.82
C GLY A 12 2.01 -2.46 0.43
N ILE A 13 2.83 -2.23 -0.59
CA ILE A 13 2.36 -2.30 -1.97
C ILE A 13 1.66 -3.63 -2.25
N GLY A 14 2.23 -4.71 -1.75
CA GLY A 14 1.64 -6.03 -1.95
C GLY A 14 0.20 -6.09 -1.48
N ALA A 15 -0.18 -5.17 -0.60
CA ALA A 15 -1.54 -5.13 -0.08
C ALA A 15 -2.47 -4.42 -1.04
N VAL A 16 -1.90 -3.61 -1.93
CA VAL A 16 -2.70 -2.87 -2.91
C VAL A 16 -3.31 -3.81 -3.94
N LEU A 17 -2.84 -5.06 -3.95
CA LEU A 17 -3.35 -6.06 -4.89
C LEU A 17 -4.01 -7.21 -4.15
N LYS A 18 -3.64 -7.39 -2.88
CA LYS A 18 -4.21 -8.45 -2.06
C LYS A 18 -5.67 -8.19 -1.76
N VAL A 19 -6.00 -6.95 -1.40
CA VAL A 19 -7.36 -6.57 -1.09
C VAL A 19 -8.11 -6.14 -2.34
N LEU A 20 -7.37 -5.57 -3.29
CA LEU A 20 -7.97 -5.11 -4.55
C LEU A 20 -8.75 -6.23 -5.23
N THR A 21 -8.40 -7.46 -4.90
CA THR A 21 -9.08 -8.63 -5.47
C THR A 21 -10.48 -8.78 -4.92
N THR A 22 -10.67 -8.33 -3.68
CA THR A 22 -11.98 -8.43 -3.03
C THR A 22 -13.05 -7.73 -3.86
N GLY A 23 -12.63 -6.77 -4.68
CA GLY A 23 -13.58 -6.05 -5.51
C GLY A 23 -13.28 -6.20 -6.99
N LEU A 24 -12.10 -6.74 -7.31
CA LEU A 24 -11.70 -6.94 -8.69
C LEU A 24 -12.03 -8.35 -9.16
N GLY A 1 9.60 14.44 8.15
CA GLY A 1 8.76 14.71 7.01
C GLY A 1 7.77 13.59 6.75
N ILE A 2 6.55 13.96 6.36
CA ILE A 2 5.51 12.98 6.08
C ILE A 2 5.93 12.03 4.97
N GLY A 3 6.84 12.48 4.12
CA GLY A 3 7.32 11.66 3.03
C GLY A 3 7.88 10.33 3.50
N LYS A 4 8.22 10.26 4.78
CA LYS A 4 8.78 9.05 5.36
C LYS A 4 7.67 8.07 5.73
N ALA A 5 6.55 8.59 6.19
CA ALA A 5 5.40 7.75 6.56
C ALA A 5 4.60 7.33 5.35
N LEU A 6 4.53 8.22 4.35
CA LEU A 6 3.79 7.94 3.13
C LEU A 6 4.55 6.96 2.24
N LYS A 7 5.88 7.01 2.33
CA LYS A 7 6.73 6.12 1.54
C LYS A 7 6.80 4.74 2.16
N LYS A 8 6.45 4.64 3.45
CA LYS A 8 6.47 3.37 4.15
C LYS A 8 5.53 2.37 3.49
N ALA A 9 4.51 2.88 2.81
CA ALA A 9 3.53 2.03 2.13
C ALA A 9 4.21 1.16 1.07
N LYS A 10 5.39 1.59 0.63
CA LYS A 10 6.14 0.84 -0.38
C LYS A 10 6.33 -0.62 0.05
N LYS A 11 6.37 -0.84 1.35
CA LYS A 11 6.55 -2.19 1.89
C LYS A 11 5.24 -2.97 1.84
N GLY A 12 4.12 -2.25 2.01
CA GLY A 12 2.82 -2.89 1.97
C GLY A 12 2.23 -2.94 0.58
N ILE A 13 3.06 -2.69 -0.43
CA ILE A 13 2.62 -2.71 -1.81
C ILE A 13 1.90 -4.01 -2.13
N GLY A 14 2.45 -5.13 -1.65
CA GLY A 14 1.85 -6.42 -1.90
C GLY A 14 0.41 -6.48 -1.46
N ALA A 15 0.02 -5.58 -0.56
CA ALA A 15 -1.34 -5.54 -0.05
C ALA A 15 -2.26 -4.77 -0.99
N VAL A 16 -1.66 -3.95 -1.85
CA VAL A 16 -2.42 -3.15 -2.81
C VAL A 16 -3.01 -4.02 -3.90
N LEU A 17 -2.52 -5.26 -4.00
CA LEU A 17 -3.00 -6.21 -5.01
C LEU A 17 -3.63 -7.43 -4.35
N LYS A 18 -3.36 -7.61 -3.06
CA LYS A 18 -3.91 -8.74 -2.31
C LYS A 18 -5.39 -8.52 -2.02
N VAL A 19 -5.74 -7.31 -1.60
CA VAL A 19 -7.13 -6.99 -1.29
C VAL A 19 -7.86 -6.47 -2.52
N LEU A 20 -7.12 -5.81 -3.41
CA LEU A 20 -7.70 -5.27 -4.63
C LEU A 20 -8.45 -6.35 -5.41
N THR A 21 -8.08 -7.60 -5.17
CA THR A 21 -8.72 -8.73 -5.84
C THR A 21 -10.13 -8.95 -5.32
N THR A 22 -10.36 -8.61 -4.05
CA THR A 22 -11.67 -8.78 -3.43
C THR A 22 -12.74 -8.03 -4.22
N GLY A 23 -12.33 -7.00 -4.95
CA GLY A 23 -13.28 -6.23 -5.73
C GLY A 23 -12.96 -6.26 -7.21
N LEU A 24 -11.77 -6.75 -7.55
CA LEU A 24 -11.35 -6.82 -8.94
C LEU A 24 -11.27 -8.27 -9.42
N GLY A 1 7.23 14.69 8.30
CA GLY A 1 6.41 14.94 7.13
C GLY A 1 5.74 13.68 6.62
N ILE A 2 4.66 13.85 5.85
CA ILE A 2 3.93 12.72 5.30
C ILE A 2 4.81 11.87 4.40
N GLY A 3 5.85 12.49 3.83
CA GLY A 3 6.76 11.78 2.96
C GLY A 3 7.39 10.58 3.65
N LYS A 4 7.34 10.56 4.97
CA LYS A 4 7.90 9.46 5.75
C LYS A 4 6.94 8.29 5.81
N ALA A 5 5.65 8.58 5.85
CA ALA A 5 4.62 7.55 5.91
C ALA A 5 4.34 6.97 4.53
N LEU A 6 4.30 7.85 3.52
CA LEU A 6 4.04 7.43 2.15
C LEU A 6 5.23 6.67 1.58
N LYS A 7 6.42 6.96 2.11
CA LYS A 7 7.64 6.31 1.66
C LYS A 7 7.70 4.86 2.14
N LYS A 8 7.23 4.64 3.36
CA LYS A 8 7.22 3.30 3.94
C LYS A 8 6.04 2.48 3.42
N ALA A 9 5.00 3.17 2.98
CA ALA A 9 3.82 2.51 2.44
C ALA A 9 4.17 1.64 1.24
N LYS A 10 5.27 1.98 0.58
CA LYS A 10 5.72 1.23 -0.59
C LYS A 10 5.87 -0.26 -0.27
N LYS A 11 6.26 -0.55 0.96
CA LYS A 11 6.43 -1.93 1.40
C LYS A 11 5.09 -2.66 1.46
N GLY A 12 4.01 -1.89 1.63
CA GLY A 12 2.69 -2.49 1.70
C GLY A 12 2.05 -2.62 0.34
N ILE A 13 2.83 -2.43 -0.71
CA ILE A 13 2.34 -2.53 -2.09
C ILE A 13 1.60 -3.85 -2.30
N GLY A 14 2.15 -4.93 -1.78
CA GLY A 14 1.54 -6.23 -1.93
C GLY A 14 0.11 -6.26 -1.43
N ALA A 15 -0.23 -5.30 -0.56
CA ALA A 15 -1.58 -5.22 -0.01
C ALA A 15 -2.53 -4.55 -0.99
N VAL A 16 -1.98 -3.78 -1.92
CA VAL A 16 -2.78 -3.08 -2.91
C VAL A 16 -3.45 -4.06 -3.87
N LEU A 17 -2.89 -5.27 -3.95
CA LEU A 17 -3.43 -6.30 -4.83
C LEU A 17 -4.11 -7.40 -4.02
N LYS A 18 -3.76 -7.48 -2.74
CA LYS A 18 -4.35 -8.48 -1.86
C LYS A 18 -5.81 -8.17 -1.57
N VAL A 19 -6.13 -6.88 -1.43
CA VAL A 19 -7.49 -6.46 -1.16
C VAL A 19 -8.24 -6.12 -2.44
N LEU A 20 -7.49 -5.64 -3.43
CA LEU A 20 -8.08 -5.28 -4.73
C LEU A 20 -8.88 -6.44 -5.30
N THR A 21 -8.54 -7.65 -4.87
CA THR A 21 -9.24 -8.85 -5.35
C THR A 21 -10.65 -8.94 -4.77
N THR A 22 -10.81 -8.40 -3.56
CA THR A 22 -12.11 -8.42 -2.89
C THR A 22 -13.19 -7.78 -3.76
N GLY A 23 -12.77 -6.89 -4.66
CA GLY A 23 -13.71 -6.21 -5.52
C GLY A 23 -13.43 -6.49 -7.00
N LEU A 24 -12.27 -7.06 -7.28
CA LEU A 24 -11.90 -7.37 -8.65
C LEU A 24 -12.30 -8.80 -9.02
N GLY A 1 5.90 15.05 7.22
CA GLY A 1 5.53 13.87 7.97
C GLY A 1 5.02 12.74 7.07
N ILE A 2 4.44 13.12 5.94
CA ILE A 2 3.91 12.14 5.00
C ILE A 2 5.01 11.21 4.50
N GLY A 3 6.24 11.71 4.53
CA GLY A 3 7.38 10.90 4.08
C GLY A 3 7.48 9.59 4.81
N LYS A 4 6.82 9.49 5.96
CA LYS A 4 6.85 8.27 6.75
C LYS A 4 5.86 7.25 6.22
N ALA A 5 4.72 7.73 5.73
CA ALA A 5 3.69 6.85 5.18
C ALA A 5 4.02 6.45 3.74
N LEU A 6 4.53 7.41 2.97
CA LEU A 6 4.88 7.15 1.58
C LEU A 6 6.09 6.22 1.49
N LYS A 7 6.93 6.24 2.53
CA LYS A 7 8.11 5.38 2.57
C LYS A 7 7.73 3.92 2.76
N LYS A 8 6.74 3.69 3.61
CA LYS A 8 6.28 2.32 3.88
C LYS A 8 5.33 1.85 2.78
N ALA A 9 4.76 2.79 2.04
CA ALA A 9 3.84 2.47 0.96
C ALA A 9 4.57 1.77 -0.19
N LYS A 10 5.88 1.94 -0.23
CA LYS A 10 6.69 1.31 -1.28
C LYS A 10 6.92 -0.16 -0.99
N LYS A 11 6.99 -0.51 0.29
CA LYS A 11 7.19 -1.89 0.70
C LYS A 11 5.86 -2.62 0.86
N GLY A 12 4.81 -1.86 1.16
CA GLY A 12 3.50 -2.46 1.33
C GLY A 12 2.66 -2.40 0.07
N ILE A 13 3.31 -2.05 -1.04
CA ILE A 13 2.61 -1.94 -2.32
C ILE A 13 1.87 -3.24 -2.63
N GLY A 14 2.51 -4.37 -2.37
CA GLY A 14 1.88 -5.66 -2.63
C GLY A 14 0.54 -5.80 -1.95
N ALA A 15 0.32 -5.00 -0.91
CA ALA A 15 -0.93 -5.05 -0.17
C ALA A 15 -2.03 -4.27 -0.89
N VAL A 16 -1.62 -3.36 -1.77
CA VAL A 16 -2.57 -2.54 -2.52
C VAL A 16 -3.34 -3.40 -3.52
N LEU A 17 -2.79 -4.55 -3.86
CA LEU A 17 -3.44 -5.47 -4.80
C LEU A 17 -3.98 -6.70 -4.07
N LYS A 18 -3.46 -6.95 -2.88
CA LYS A 18 -3.90 -8.09 -2.09
C LYS A 18 -5.31 -7.89 -1.55
N VAL A 19 -5.62 -6.64 -1.18
CA VAL A 19 -6.94 -6.30 -0.66
C VAL A 19 -7.86 -5.81 -1.77
N LEU A 20 -7.27 -5.16 -2.77
CA LEU A 20 -8.04 -4.64 -3.89
C LEU A 20 -8.90 -5.73 -4.53
N THR A 21 -8.49 -6.98 -4.33
CA THR A 21 -9.22 -8.11 -4.88
C THR A 21 -10.53 -8.34 -4.13
N THR A 22 -10.54 -7.99 -2.84
CA THR A 22 -11.72 -8.16 -2.02
C THR A 22 -12.92 -7.43 -2.61
N GLY A 23 -12.64 -6.40 -3.41
CA GLY A 23 -13.71 -5.64 -4.04
C GLY A 23 -13.65 -5.68 -5.55
N LEU A 24 -12.53 -6.16 -6.08
CA LEU A 24 -12.34 -6.26 -7.52
C LEU A 24 -12.77 -7.62 -8.05
N GLY A 1 8.50 15.22 7.10
CA GLY A 1 8.10 14.22 8.07
C GLY A 1 7.20 13.17 7.48
N ILE A 2 6.17 13.61 6.77
CA ILE A 2 5.22 12.70 6.14
C ILE A 2 5.92 11.76 5.16
N GLY A 3 7.06 12.21 4.64
CA GLY A 3 7.80 11.41 3.69
C GLY A 3 8.16 10.04 4.24
N LYS A 4 8.10 9.91 5.57
CA LYS A 4 8.42 8.64 6.22
C LYS A 4 7.24 7.69 6.19
N ALA A 5 6.03 8.26 6.30
CA ALA A 5 4.82 7.45 6.29
C ALA A 5 4.42 7.09 4.86
N LEU A 6 4.58 8.03 3.94
CA LEU A 6 4.24 7.80 2.54
C LEU A 6 5.20 6.80 1.91
N LYS A 7 6.39 6.68 2.48
CA LYS A 7 7.40 5.76 1.97
C LYS A 7 7.11 4.34 2.44
N LYS A 8 6.48 4.22 3.61
CA LYS A 8 6.14 2.92 4.17
C LYS A 8 5.24 2.13 3.22
N ALA A 9 4.51 2.84 2.37
CA ALA A 9 3.62 2.21 1.41
C ALA A 9 4.39 1.31 0.46
N LYS A 10 5.67 1.60 0.26
CA LYS A 10 6.51 0.81 -0.62
C LYS A 10 6.47 -0.66 -0.24
N LYS A 11 6.31 -0.93 1.05
CA LYS A 11 6.25 -2.31 1.54
C LYS A 11 4.82 -2.82 1.51
N GLY A 12 3.86 -1.91 1.58
CA GLY A 12 2.45 -2.30 1.58
C GLY A 12 1.89 -2.38 0.16
N ILE A 13 2.76 -2.23 -0.83
CA ILE A 13 2.34 -2.29 -2.22
C ILE A 13 1.55 -3.57 -2.51
N GLY A 14 2.04 -4.69 -1.97
CA GLY A 14 1.36 -5.95 -2.18
C GLY A 14 -0.10 -5.91 -1.78
N ALA A 15 -0.46 -4.94 -0.93
CA ALA A 15 -1.83 -4.80 -0.47
C ALA A 15 -2.72 -4.22 -1.58
N VAL A 16 -2.10 -3.55 -2.54
CA VAL A 16 -2.84 -2.95 -3.65
C VAL A 16 -3.51 -4.03 -4.49
N LEU A 17 -3.09 -5.27 -4.30
CA LEU A 17 -3.66 -6.40 -5.05
C LEU A 17 -4.38 -7.36 -4.12
N LYS A 18 -3.98 -7.36 -2.86
CA LYS A 18 -4.59 -8.23 -1.86
C LYS A 18 -6.05 -7.85 -1.62
N VAL A 19 -6.30 -6.56 -1.47
CA VAL A 19 -7.65 -6.06 -1.24
C VAL A 19 -8.38 -5.83 -2.56
N LEU A 20 -7.63 -5.47 -3.60
CA LEU A 20 -8.21 -5.23 -4.91
C LEU A 20 -9.04 -6.42 -5.37
N THR A 21 -8.74 -7.59 -4.81
CA THR A 21 -9.45 -8.81 -5.17
C THR A 21 -10.87 -8.80 -4.59
N THR A 22 -11.04 -8.14 -3.46
CA THR A 22 -12.34 -8.05 -2.80
C THR A 22 -13.39 -7.47 -3.74
N GLY A 23 -12.94 -6.70 -4.73
CA GLY A 23 -13.85 -6.10 -5.68
C GLY A 23 -13.58 -6.53 -7.10
N LEU A 24 -12.43 -7.16 -7.31
CA LEU A 24 -12.04 -7.63 -8.64
C LEU A 24 -12.43 -9.08 -8.85
N GLY A 1 6.45 14.70 6.64
CA GLY A 1 5.02 14.44 6.73
C GLY A 1 4.65 13.07 6.20
N ILE A 2 3.72 13.04 5.25
CA ILE A 2 3.27 11.80 4.66
C ILE A 2 4.42 11.05 4.00
N GLY A 3 5.46 11.80 3.63
CA GLY A 3 6.62 11.19 2.99
C GLY A 3 7.23 10.09 3.83
N LYS A 4 6.90 10.07 5.12
CA LYS A 4 7.42 9.06 6.03
C LYS A 4 6.63 7.76 5.92
N ALA A 5 5.33 7.89 5.70
CA ALA A 5 4.45 6.73 5.57
C ALA A 5 4.53 6.14 4.15
N LEU A 6 4.58 7.02 3.16
CA LEU A 6 4.65 6.58 1.77
C LEU A 6 5.97 5.88 1.49
N LYS A 7 7.03 6.34 2.14
CA LYS A 7 8.36 5.74 1.97
C LYS A 7 8.39 4.31 2.49
N LYS A 8 7.74 4.09 3.63
CA LYS A 8 7.68 2.78 4.25
C LYS A 8 6.63 1.90 3.57
N ALA A 9 5.60 2.54 3.02
CA ALA A 9 4.53 1.82 2.34
C ALA A 9 5.07 1.01 1.17
N LYS A 10 6.26 1.39 0.70
CA LYS A 10 6.88 0.69 -0.42
C LYS A 10 6.93 -0.81 -0.17
N LYS A 11 7.09 -1.19 1.08
CA LYS A 11 7.16 -2.60 1.45
C LYS A 11 5.77 -3.23 1.44
N GLY A 12 4.76 -2.43 1.78
CA GLY A 12 3.40 -2.94 1.79
C GLY A 12 2.70 -2.76 0.46
N ILE A 13 3.48 -2.50 -0.58
CA ILE A 13 2.93 -2.30 -1.92
C ILE A 13 2.02 -3.45 -2.32
N GLY A 14 2.46 -4.68 -2.02
CA GLY A 14 1.69 -5.86 -2.35
C GLY A 14 0.27 -5.78 -1.81
N ALA A 15 0.06 -4.96 -0.79
CA ALA A 15 -1.25 -4.79 -0.18
C ALA A 15 -2.20 -4.05 -1.13
N VAL A 16 -1.63 -3.24 -2.01
CA VAL A 16 -2.42 -2.47 -2.97
C VAL A 16 -3.27 -3.39 -3.84
N LEU A 17 -2.86 -4.66 -3.93
CA LEU A 17 -3.58 -5.64 -4.74
C LEU A 17 -4.29 -6.66 -3.85
N LYS A 18 -3.79 -6.82 -2.63
CA LYS A 18 -4.37 -7.75 -1.68
C LYS A 18 -5.77 -7.30 -1.25
N VAL A 19 -5.91 -6.00 -1.02
CA VAL A 19 -7.19 -5.44 -0.61
C VAL A 19 -8.03 -5.04 -1.82
N LEU A 20 -7.36 -4.62 -2.89
CA LEU A 20 -8.05 -4.22 -4.12
C LEU A 20 -9.02 -5.29 -4.58
N THR A 21 -8.77 -6.53 -4.17
CA THR A 21 -9.63 -7.64 -4.54
C THR A 21 -10.99 -7.55 -3.85
N THR A 22 -10.99 -7.01 -2.63
CA THR A 22 -12.22 -6.86 -1.87
C THR A 22 -13.29 -6.15 -2.69
N GLY A 23 -12.86 -5.32 -3.63
CA GLY A 23 -13.79 -4.59 -4.46
C GLY A 23 -13.64 -4.93 -5.93
N LEU A 24 -12.58 -5.66 -6.26
CA LEU A 24 -12.31 -6.04 -7.65
C LEU A 24 -13.39 -6.98 -8.18
N GLY A 1 4.55 15.41 7.36
CA GLY A 1 5.61 14.50 6.97
C GLY A 1 5.07 13.31 6.20
N ILE A 2 4.56 13.56 5.01
CA ILE A 2 4.01 12.49 4.17
C ILE A 2 5.09 11.45 3.84
N GLY A 3 6.34 11.87 3.92
CA GLY A 3 7.44 10.96 3.63
C GLY A 3 7.40 9.72 4.49
N LYS A 4 6.66 9.78 5.59
CA LYS A 4 6.54 8.65 6.51
C LYS A 4 5.51 7.65 6.01
N ALA A 5 4.44 8.17 5.40
CA ALA A 5 3.37 7.32 4.88
C ALA A 5 3.74 6.77 3.50
N LEU A 6 4.44 7.57 2.72
CA LEU A 6 4.86 7.16 1.38
C LEU A 6 6.04 6.21 1.45
N LYS A 7 6.74 6.23 2.58
CA LYS A 7 7.90 5.36 2.77
C LYS A 7 7.47 3.95 3.15
N LYS A 8 6.35 3.85 3.85
CA LYS A 8 5.82 2.56 4.28
C LYS A 8 5.07 1.88 3.14
N ALA A 9 4.58 2.67 2.20
CA ALA A 9 3.85 2.14 1.06
C ALA A 9 4.76 1.32 0.15
N LYS A 10 6.06 1.56 0.27
CA LYS A 10 7.05 0.84 -0.54
C LYS A 10 7.01 -0.66 -0.25
N LYS A 11 7.25 -1.01 1.00
CA LYS A 11 7.24 -2.41 1.41
C LYS A 11 5.81 -2.93 1.53
N GLY A 12 4.87 -2.03 1.72
CA GLY A 12 3.47 -2.42 1.84
C GLY A 12 2.79 -2.53 0.49
N ILE A 13 3.57 -2.43 -0.58
CA ILE A 13 3.02 -2.52 -1.93
C ILE A 13 2.19 -3.78 -2.10
N GLY A 14 2.68 -4.89 -1.57
CA GLY A 14 1.96 -6.15 -1.68
C GLY A 14 0.56 -6.06 -1.14
N ALA A 15 0.31 -5.07 -0.29
CA ALA A 15 -1.01 -4.88 0.28
C ALA A 15 -1.94 -4.12 -0.67
N VAL A 16 -1.34 -3.41 -1.63
CA VAL A 16 -2.11 -2.66 -2.61
C VAL A 16 -2.88 -3.58 -3.54
N LEU A 17 -2.54 -4.86 -3.50
CA LEU A 17 -3.20 -5.85 -4.34
C LEU A 17 -3.93 -6.89 -3.50
N LYS A 18 -3.49 -7.06 -2.26
CA LYS A 18 -4.11 -8.01 -1.35
C LYS A 18 -5.53 -7.59 -0.99
N VAL A 19 -5.70 -6.31 -0.68
CA VAL A 19 -7.01 -5.77 -0.33
C VAL A 19 -7.77 -5.33 -1.57
N LEU A 20 -7.04 -4.89 -2.59
CA LEU A 20 -7.66 -4.45 -3.83
C LEU A 20 -8.58 -5.52 -4.40
N THR A 21 -8.34 -6.76 -4.01
CA THR A 21 -9.15 -7.88 -4.48
C THR A 21 -10.54 -7.85 -3.85
N THR A 22 -10.62 -7.32 -2.64
CA THR A 22 -11.89 -7.23 -1.92
C THR A 22 -12.93 -6.47 -2.75
N GLY A 23 -12.47 -5.62 -3.64
CA GLY A 23 -13.37 -4.85 -4.49
C GLY A 23 -13.18 -5.14 -5.96
N LEU A 24 -12.07 -5.81 -6.30
CA LEU A 24 -11.77 -6.14 -7.68
C LEU A 24 -12.00 -7.62 -7.94
#